data_3MPZ
#
_entry.id   3MPZ
#
_cell.length_a   54.280
_cell.length_b   96.110
_cell.length_c   178.190
_cell.angle_alpha   90.00
_cell.angle_beta   90.00
_cell.angle_gamma   90.00
#
_symmetry.space_group_name_H-M   'C 2 2 21'
#
loop_
_entity.id
_entity.type
_entity.pdbx_description
1 polymer 'Cytidine deaminase'
2 non-polymer 'ZINC ION'
3 water water
#
_entity_poly.entity_id   1
_entity_poly.type   'polypeptide(L)'
_entity_poly.pdbx_seq_one_letter_code
;MAHHHHHHMGTLEAQTQGPGSMVNWNALRSKAIEVSRHAYAPYSGFPVGAAALVDDGRTVTGCNVENVSYGLGLCAECAV
VCALHSGGGGRLVALSCVGPDGGVLMPCGRCRQVLLEHGGPELLIDHAHGPRPLRELLPDAFGPDDLGRR
;
_entity_poly.pdbx_strand_id   A,B,C,D
#
loop_
_chem_comp.id
_chem_comp.type
_chem_comp.name
_chem_comp.formula
ZN non-polymer 'ZINC ION' 'Zn 2'
#
# COMPACT_ATOMS: atom_id res chain seq x y z
N GLY A 20 -4.77 -7.17 -29.79
CA GLY A 20 -5.31 -5.79 -30.00
C GLY A 20 -6.67 -5.53 -30.66
N SER A 21 -6.99 -6.27 -31.73
CA SER A 21 -6.09 -7.31 -32.21
C SER A 21 -4.86 -6.70 -32.91
N MET A 22 -4.93 -5.41 -33.27
CA MET A 22 -3.85 -4.75 -33.99
C MET A 22 -2.99 -3.83 -33.12
N VAL A 23 -3.05 -3.98 -31.81
CA VAL A 23 -2.17 -3.23 -30.93
C VAL A 23 -0.74 -3.70 -31.22
N ASN A 24 0.24 -2.79 -31.18
CA ASN A 24 1.62 -3.15 -31.42
C ASN A 24 2.26 -3.58 -30.11
N TRP A 25 2.11 -4.87 -29.80
CA TRP A 25 2.61 -5.44 -28.53
C TRP A 25 4.11 -5.47 -28.49
N ASN A 26 4.74 -5.68 -29.64
CA ASN A 26 6.21 -5.66 -29.66
C ASN A 26 6.80 -4.30 -29.27
N ALA A 27 6.15 -3.22 -29.71
CA ALA A 27 6.57 -1.89 -29.31
C ALA A 27 6.39 -1.66 -27.80
N LEU A 28 5.27 -2.15 -27.22
CA LEU A 28 5.05 -1.99 -25.77
C LEU A 28 6.04 -2.82 -24.97
N ARG A 29 6.28 -4.05 -25.41
CA ARG A 29 7.23 -4.90 -24.73
C ARG A 29 8.63 -4.28 -24.72
N SER A 30 9.02 -3.72 -25.85
CA SER A 30 10.34 -3.09 -25.97
CA SER A 30 10.33 -3.07 -25.97
C SER A 30 10.47 -1.88 -25.02
N LYS A 31 9.41 -1.09 -24.93
CA LYS A 31 9.41 0.04 -24.02
C LYS A 31 9.43 -0.41 -22.56
N ALA A 32 8.75 -1.53 -22.26
CA ALA A 32 8.72 -2.06 -20.90
C ALA A 32 10.11 -2.58 -20.54
N ILE A 33 10.76 -3.26 -21.47
CA ILE A 33 12.13 -3.72 -21.24
C ILE A 33 13.07 -2.54 -21.02
N GLU A 34 12.95 -1.50 -21.84
CA GLU A 34 13.75 -0.29 -21.73
CA GLU A 34 13.85 -0.35 -21.69
C GLU A 34 13.65 0.29 -20.31
N VAL A 35 12.41 0.47 -19.86
CA VAL A 35 12.19 1.12 -18.59
C VAL A 35 12.61 0.25 -17.41
N SER A 36 12.52 -1.07 -17.60
CA SER A 36 12.92 -2.02 -16.56
C SER A 36 14.39 -1.85 -16.18
N ARG A 37 15.18 -1.30 -17.10
CA ARG A 37 16.61 -1.05 -16.80
C ARG A 37 16.82 -0.05 -15.68
N HIS A 38 15.80 0.75 -15.41
CA HIS A 38 15.89 1.80 -14.42
C HIS A 38 15.17 1.43 -13.09
N ALA A 39 14.69 0.20 -13.00
CA ALA A 39 13.98 -0.22 -11.78
C ALA A 39 14.85 -0.02 -10.55
N TYR A 40 14.19 0.31 -9.44
CA TYR A 40 14.83 0.38 -8.16
C TYR A 40 14.31 -0.80 -7.37
N ALA A 41 15.04 -1.92 -7.51
CA ALA A 41 14.68 -3.18 -6.89
C ALA A 41 15.86 -3.88 -6.20
N PRO A 42 16.57 -3.18 -5.30
CA PRO A 42 17.76 -3.77 -4.72
C PRO A 42 17.46 -4.82 -3.67
N TYR A 43 16.23 -4.88 -3.15
CA TYR A 43 15.86 -5.84 -2.09
C TYR A 43 15.55 -7.21 -2.72
N SER A 44 14.63 -7.24 -3.69
CA SER A 44 14.33 -8.48 -4.44
C SER A 44 15.36 -8.87 -5.48
N GLY A 45 16.04 -7.87 -6.06
CA GLY A 45 16.80 -8.06 -7.28
C GLY A 45 15.96 -8.49 -8.47
N PHE A 46 14.67 -8.11 -8.46
CA PHE A 46 13.70 -8.47 -9.46
C PHE A 46 13.15 -7.19 -10.10
N PRO A 47 13.90 -6.63 -11.07
CA PRO A 47 13.42 -5.43 -11.76
C PRO A 47 12.26 -5.74 -12.70
N VAL A 48 11.29 -4.83 -12.74
CA VAL A 48 10.14 -4.93 -13.59
C VAL A 48 9.92 -3.62 -14.31
N GLY A 49 9.54 -3.74 -15.57
CA GLY A 49 9.09 -2.62 -16.37
C GLY A 49 7.67 -2.82 -16.89
N ALA A 50 7.00 -1.71 -17.16
CA ALA A 50 5.67 -1.75 -17.75
C ALA A 50 5.49 -0.57 -18.68
N ALA A 51 4.78 -0.83 -19.77
CA ALA A 51 4.44 0.22 -20.76
C ALA A 51 3.00 0.06 -21.15
N ALA A 52 2.31 1.19 -21.31
CA ALA A 52 0.88 1.16 -21.66
C ALA A 52 0.60 2.17 -22.76
N LEU A 53 -0.24 1.76 -23.68
CA LEU A 53 -0.81 2.66 -24.69
C LEU A 53 -1.98 3.42 -24.06
N VAL A 54 -2.00 4.73 -24.25
CA VAL A 54 -3.12 5.56 -23.83
C VAL A 54 -4.02 5.84 -25.05
N ASP A 55 -5.30 6.16 -24.78
CA ASP A 55 -6.24 6.41 -25.87
C ASP A 55 -6.01 7.73 -26.64
N ASP A 56 -4.97 8.48 -26.29
CA ASP A 56 -4.50 9.61 -27.11
C ASP A 56 -3.31 9.21 -27.98
N GLY A 57 -3.00 7.91 -27.94
CA GLY A 57 -1.94 7.30 -28.74
C GLY A 57 -0.55 7.31 -28.14
N ARG A 58 -0.38 7.94 -27.00
CA ARG A 58 0.93 7.99 -26.43
C ARG A 58 1.17 6.74 -25.59
N THR A 59 2.44 6.53 -25.30
CA THR A 59 2.87 5.46 -24.39
C THR A 59 3.38 6.05 -23.09
N VAL A 60 2.97 5.46 -21.98
CA VAL A 60 3.47 5.81 -20.66
C VAL A 60 4.20 4.57 -20.11
N THR A 61 5.25 4.81 -19.35
CA THR A 61 6.05 3.73 -18.80
C THR A 61 6.25 3.86 -17.29
N GLY A 62 6.71 2.77 -16.70
CA GLY A 62 7.02 2.78 -15.30
C GLY A 62 7.82 1.56 -14.94
N CYS A 63 8.61 1.68 -13.88
CA CYS A 63 9.38 0.60 -13.31
C CYS A 63 9.11 0.48 -11.82
N ASN A 64 9.35 -0.69 -11.24
CA ASN A 64 9.11 -0.86 -9.82
C ASN A 64 10.13 -0.08 -8.97
N VAL A 65 9.69 0.30 -7.78
CA VAL A 65 10.48 1.10 -6.84
C VAL A 65 10.24 0.54 -5.44
N GLU A 66 11.17 -0.27 -4.97
CA GLU A 66 11.09 -0.90 -3.67
C GLU A 66 11.49 0.04 -2.55
N ASN A 67 11.16 -0.35 -1.32
CA ASN A 67 11.49 0.40 -0.12
C ASN A 67 12.04 -0.52 0.96
N VAL A 68 12.86 0.06 1.82
CA VAL A 68 13.37 -0.66 3.01
C VAL A 68 12.26 -1.23 3.86
N SER A 69 11.13 -0.52 3.93
CA SER A 69 9.91 -1.06 4.51
C SER A 69 9.17 -1.70 3.35
N TYR A 70 9.18 -3.04 3.30
CA TYR A 70 8.84 -3.73 2.05
C TYR A 70 7.46 -3.33 1.53
N GLY A 71 6.52 -3.21 2.45
CA GLY A 71 5.12 -2.85 2.15
C GLY A 71 4.86 -1.47 1.54
N LEU A 72 5.91 -0.66 1.41
CA LEU A 72 5.85 0.64 0.79
C LEU A 72 6.36 0.63 -0.64
N GLY A 73 6.76 -0.55 -1.12
CA GLY A 73 7.12 -0.76 -2.53
C GLY A 73 6.00 -0.40 -3.51
N LEU A 74 6.39 0.15 -4.66
CA LEU A 74 5.47 0.55 -5.71
C LEU A 74 5.75 -0.30 -6.94
N CYS A 75 4.69 -0.87 -7.51
CA CYS A 75 4.83 -1.69 -8.72
C CYS A 75 5.00 -0.83 -9.96
N ALA A 76 5.65 -1.40 -10.98
CA ALA A 76 5.76 -0.76 -12.30
C ALA A 76 4.42 -0.28 -12.84
N GLU A 77 3.39 -1.09 -12.64
CA GLU A 77 2.05 -0.74 -13.13
C GLU A 77 1.46 0.44 -12.37
N CYS A 78 1.77 0.56 -11.09
CA CYS A 78 1.44 1.77 -10.32
C CYS A 78 2.11 3.00 -10.91
N ALA A 79 3.38 2.87 -11.28
CA ALA A 79 4.15 3.98 -11.84
C ALA A 79 3.52 4.38 -13.19
N VAL A 80 3.08 3.40 -13.97
CA VAL A 80 2.34 3.69 -15.23
C VAL A 80 1.11 4.58 -15.02
N VAL A 81 0.30 4.22 -14.03
CA VAL A 81 -0.93 4.93 -13.70
C VAL A 81 -0.60 6.35 -13.19
N CYS A 82 0.46 6.49 -12.41
CA CYS A 82 0.90 7.83 -12.01
C CYS A 82 1.23 8.72 -13.21
N ALA A 83 2.02 8.18 -14.13
CA ALA A 83 2.44 8.89 -15.33
C ALA A 83 1.29 9.19 -16.27
N LEU A 84 0.31 8.28 -16.35
CA LEU A 84 -0.91 8.53 -17.09
C LEU A 84 -1.51 9.89 -16.71
N HIS A 85 -1.70 10.10 -15.41
CA HIS A 85 -2.34 11.30 -14.93
C HIS A 85 -1.43 12.52 -14.91
N SER A 86 -0.21 12.38 -14.41
CA SER A 86 0.71 13.55 -14.40
C SER A 86 1.02 14.06 -15.80
N GLY A 87 0.93 13.16 -16.78
CA GLY A 87 1.23 13.48 -18.17
C GLY A 87 0.05 13.99 -18.97
N GLY A 88 -1.11 14.16 -18.32
CA GLY A 88 -2.26 14.80 -18.97
C GLY A 88 -3.54 14.02 -18.97
N GLY A 89 -3.52 12.83 -18.36
CA GLY A 89 -4.70 12.01 -18.24
C GLY A 89 -4.96 11.14 -19.45
N GLY A 90 -6.15 10.59 -19.49
CA GLY A 90 -6.53 9.66 -20.55
C GLY A 90 -6.96 8.31 -19.99
N ARG A 91 -7.26 7.38 -20.89
CA ARG A 91 -7.63 6.01 -20.52
C ARG A 91 -6.59 5.05 -21.05
N LEU A 92 -6.23 4.04 -20.25
CA LEU A 92 -5.29 3.01 -20.73
C LEU A 92 -6.03 2.06 -21.69
N VAL A 93 -5.40 1.74 -22.81
CA VAL A 93 -5.93 0.81 -23.81
C VAL A 93 -5.29 -0.57 -23.75
N ALA A 94 -3.98 -0.59 -23.50
CA ALA A 94 -3.19 -1.82 -23.54
C ALA A 94 -1.98 -1.65 -22.68
N LEU A 95 -1.56 -2.74 -22.03
CA LEU A 95 -0.44 -2.70 -21.09
C LEU A 95 0.36 -3.99 -21.16
N SER A 96 1.69 -3.83 -21.21
CA SER A 96 2.61 -4.94 -21.13
CA SER A 96 2.64 -4.92 -21.15
C SER A 96 3.52 -4.76 -19.92
N CYS A 97 3.65 -5.83 -19.15
CA CYS A 97 4.57 -5.87 -18.03
CA CYS A 97 4.59 -5.88 -18.04
C CYS A 97 5.61 -6.95 -18.33
N VAL A 98 6.86 -6.63 -18.08
CA VAL A 98 7.92 -7.58 -18.32
C VAL A 98 8.85 -7.70 -17.14
N GLY A 99 9.39 -8.89 -16.97
CA GLY A 99 10.23 -9.21 -15.85
C GLY A 99 11.71 -9.11 -16.23
N PRO A 100 12.59 -9.52 -15.31
CA PRO A 100 14.04 -9.28 -15.50
C PRO A 100 14.65 -9.94 -16.75
N ASP A 101 14.02 -11.02 -17.23
CA ASP A 101 14.44 -11.77 -18.42
C ASP A 101 13.85 -11.24 -19.74
N GLY A 102 12.96 -10.24 -19.66
CA GLY A 102 12.28 -9.67 -20.84
C GLY A 102 10.95 -10.36 -21.20
N GLY A 103 10.61 -11.41 -20.47
CA GLY A 103 9.39 -12.15 -20.69
C GLY A 103 8.21 -11.46 -20.04
N VAL A 104 7.04 -11.70 -20.61
CA VAL A 104 5.80 -11.10 -20.11
C VAL A 104 5.44 -11.61 -18.72
N LEU A 105 4.99 -10.70 -17.86
CA LEU A 105 4.65 -10.98 -16.48
C LEU A 105 3.23 -10.57 -16.20
N MET A 106 2.55 -11.34 -15.35
CA MET A 106 1.19 -11.01 -14.98
C MET A 106 1.19 -9.95 -13.86
N PRO A 107 0.37 -8.90 -14.00
CA PRO A 107 0.23 -7.99 -12.87
C PRO A 107 -0.25 -8.63 -11.58
N CYS A 108 0.23 -8.11 -10.44
CA CYS A 108 -0.28 -8.56 -9.16
C CYS A 108 -1.69 -8.09 -8.96
N GLY A 109 -2.34 -8.66 -7.97
CA GLY A 109 -3.75 -8.31 -7.76
C GLY A 109 -3.99 -6.85 -7.43
N ARG A 110 -3.09 -6.22 -6.66
CA ARG A 110 -3.21 -4.80 -6.39
C ARG A 110 -3.22 -4.01 -7.70
N CYS A 111 -2.31 -4.36 -8.60
CA CYS A 111 -2.20 -3.69 -9.88
C CYS A 111 -3.40 -3.93 -10.77
N ARG A 112 -3.96 -5.14 -10.71
CA ARG A 112 -5.18 -5.41 -11.46
C ARG A 112 -6.28 -4.44 -11.04
N GLN A 113 -6.40 -4.21 -9.73
CA GLN A 113 -7.45 -3.32 -9.19
C GLN A 113 -7.14 -1.89 -9.60
N VAL A 114 -5.88 -1.48 -9.49
CA VAL A 114 -5.55 -0.07 -9.83
C VAL A 114 -5.77 0.17 -11.32
N LEU A 115 -5.29 -0.77 -12.15
CA LEU A 115 -5.44 -0.69 -13.61
C LEU A 115 -6.89 -0.63 -14.04
N LEU A 116 -7.75 -1.36 -13.36
CA LEU A 116 -9.17 -1.36 -13.70
C LEU A 116 -9.76 0.04 -13.61
N GLU A 117 -9.29 0.83 -12.65
CA GLU A 117 -9.83 2.16 -12.46
C GLU A 117 -9.53 3.06 -13.64
N HIS A 118 -8.47 2.76 -14.39
CA HIS A 118 -7.95 3.68 -15.43
C HIS A 118 -8.02 3.16 -16.86
N GLY A 119 -8.37 1.88 -16.99
CA GLY A 119 -8.64 1.26 -18.28
C GLY A 119 -9.94 0.53 -18.41
N GLY A 120 -10.57 0.21 -17.27
CA GLY A 120 -11.80 -0.58 -17.28
C GLY A 120 -11.57 -2.05 -17.61
N PRO A 121 -12.66 -2.83 -17.66
CA PRO A 121 -12.63 -4.27 -17.88
C PRO A 121 -12.03 -4.68 -19.22
N GLU A 122 -12.12 -3.79 -20.21
CA GLU A 122 -11.63 -4.12 -21.56
C GLU A 122 -10.15 -3.78 -21.81
N LEU A 123 -9.47 -3.17 -20.84
CA LEU A 123 -8.04 -2.94 -20.94
C LEU A 123 -7.37 -4.26 -21.28
N LEU A 124 -6.53 -4.26 -22.31
CA LEU A 124 -5.86 -5.49 -22.74
C LEU A 124 -4.56 -5.59 -21.98
N ILE A 125 -4.34 -6.75 -21.37
CA ILE A 125 -3.11 -7.07 -20.67
C ILE A 125 -2.30 -8.09 -21.47
N ASP A 126 -1.02 -7.79 -21.70
CA ASP A 126 -0.16 -8.65 -22.46
C ASP A 126 -0.03 -9.98 -21.70
N HIS A 127 0.03 -11.07 -22.47
CA HIS A 127 0.09 -12.44 -21.88
C HIS A 127 0.79 -13.26 -22.96
N ALA A 128 1.69 -14.16 -22.55
CA ALA A 128 2.46 -14.93 -23.53
C ALA A 128 1.55 -15.80 -24.41
N HIS A 129 0.37 -16.16 -23.90
CA HIS A 129 -0.58 -16.97 -24.69
C HIS A 129 -1.56 -16.14 -25.53
N GLY A 130 -1.43 -14.83 -25.51
CA GLY A 130 -2.39 -14.00 -26.25
C GLY A 130 -2.90 -12.96 -25.26
N PRO A 131 -2.85 -11.69 -25.64
CA PRO A 131 -3.29 -10.69 -24.68
C PRO A 131 -4.74 -10.86 -24.35
N ARG A 132 -5.11 -10.45 -23.14
CA ARG A 132 -6.49 -10.58 -22.73
C ARG A 132 -7.09 -9.45 -21.93
N PRO A 133 -8.42 -9.33 -21.98
CA PRO A 133 -9.05 -8.25 -21.23
C PRO A 133 -8.81 -8.41 -19.75
N LEU A 134 -8.65 -7.27 -19.08
CA LEU A 134 -8.44 -7.25 -17.65
C LEU A 134 -9.55 -7.93 -16.87
N ARG A 135 -10.79 -7.84 -17.34
CA ARG A 135 -11.89 -8.55 -16.67
C ARG A 135 -11.61 -10.06 -16.54
N GLU A 136 -10.90 -10.69 -17.48
CA GLU A 136 -10.58 -12.12 -17.38
C GLU A 136 -9.64 -12.39 -16.21
N LEU A 137 -8.79 -11.41 -15.90
CA LEU A 137 -7.80 -11.51 -14.86
C LEU A 137 -8.28 -10.98 -13.50
N LEU A 138 -9.37 -10.24 -13.47
CA LEU A 138 -9.98 -9.76 -12.24
C LEU A 138 -11.51 -9.77 -12.39
N PRO A 139 -12.08 -10.96 -12.43
CA PRO A 139 -13.51 -11.11 -12.63
C PRO A 139 -14.28 -10.66 -11.44
N ASP A 140 -15.50 -10.20 -11.69
CA ASP A 140 -16.38 -9.74 -10.65
C ASP A 140 -15.67 -8.75 -9.71
N ALA A 141 -14.95 -7.79 -10.28
CA ALA A 141 -14.12 -6.89 -9.51
C ALA A 141 -14.92 -6.05 -8.51
N PHE A 142 -14.33 -5.83 -7.34
CA PHE A 142 -14.83 -4.84 -6.40
C PHE A 142 -14.85 -3.50 -7.13
N GLY A 143 -15.95 -2.77 -6.96
CA GLY A 143 -16.05 -1.49 -7.65
C GLY A 143 -17.20 -0.61 -7.17
N PRO A 144 -17.51 0.45 -7.95
CA PRO A 144 -18.52 1.47 -7.60
C PRO A 144 -19.91 0.90 -7.23
N VAL B 23 2.70 1.87 32.83
CA VAL B 23 2.88 0.87 31.71
C VAL B 23 4.03 -0.10 32.03
N ASN B 24 3.77 -1.40 31.90
CA ASN B 24 4.82 -2.41 32.05
C ASN B 24 5.48 -2.64 30.70
N TRP B 25 6.58 -1.96 30.46
CA TRP B 25 7.30 -2.04 29.19
C TRP B 25 7.93 -3.41 29.00
N ASN B 26 8.49 -3.99 30.07
CA ASN B 26 9.06 -5.31 29.97
C ASN B 26 8.06 -6.33 29.45
N ALA B 27 6.83 -6.27 29.96
CA ALA B 27 5.75 -7.16 29.52
C ALA B 27 5.30 -6.92 28.09
N LEU B 28 5.20 -5.65 27.69
CA LEU B 28 4.94 -5.35 26.27
C LEU B 28 6.06 -5.89 25.38
N ARG B 29 7.31 -5.72 25.78
CA ARG B 29 8.41 -6.23 24.94
C ARG B 29 8.35 -7.75 24.83
N SER B 30 8.10 -8.45 25.93
CA SER B 30 8.04 -9.91 25.88
CA SER B 30 8.05 -9.92 25.87
C SER B 30 6.90 -10.37 24.96
N LYS B 31 5.77 -9.69 25.05
CA LYS B 31 4.60 -10.02 24.21
C LYS B 31 4.94 -9.80 22.74
N ALA B 32 5.64 -8.70 22.46
CA ALA B 32 6.09 -8.38 21.12
C ALA B 32 7.04 -9.47 20.59
N ILE B 33 7.99 -9.90 21.41
CA ILE B 33 8.89 -11.00 20.99
C ILE B 33 8.08 -12.28 20.72
N GLU B 34 7.15 -12.59 21.62
CA GLU B 34 6.32 -13.78 21.49
C GLU B 34 5.56 -13.77 20.16
N VAL B 35 4.91 -12.66 19.82
CA VAL B 35 4.13 -12.61 18.57
C VAL B 35 5.00 -12.59 17.32
N SER B 36 6.21 -12.04 17.44
CA SER B 36 7.15 -12.02 16.31
C SER B 36 7.53 -13.42 15.86
N ARG B 37 7.37 -14.40 16.75
CA ARG B 37 7.67 -15.78 16.37
C ARG B 37 6.78 -16.28 15.25
N HIS B 38 5.61 -15.64 15.09
CA HIS B 38 4.65 -16.00 14.04
C HIS B 38 4.73 -15.14 12.78
N ALA B 39 5.73 -14.25 12.74
CA ALA B 39 5.95 -13.38 11.58
C ALA B 39 6.00 -14.22 10.33
N TYR B 40 5.42 -13.70 9.26
CA TYR B 40 5.50 -14.27 7.95
C TYR B 40 6.40 -13.34 7.15
N ALA B 41 7.69 -13.61 7.23
CA ALA B 41 8.70 -12.76 6.56
C ALA B 41 9.74 -13.54 5.80
N PRO B 42 9.31 -14.37 4.85
CA PRO B 42 10.27 -15.24 4.17
C PRO B 42 11.09 -14.53 3.11
N TYR B 43 10.63 -13.36 2.68
CA TYR B 43 11.32 -12.60 1.65
C TYR B 43 12.47 -11.81 2.26
N SER B 44 12.21 -11.07 3.33
CA SER B 44 13.29 -10.30 4.00
C SER B 44 14.06 -11.15 4.99
N GLY B 45 13.45 -12.19 5.52
CA GLY B 45 13.98 -12.89 6.69
C GLY B 45 14.13 -12.02 7.94
N PHE B 46 13.34 -10.95 8.01
CA PHE B 46 13.39 -10.00 9.11
C PHE B 46 12.06 -9.99 9.86
N PRO B 47 11.89 -10.88 10.83
CA PRO B 47 10.61 -10.93 11.54
C PRO B 47 10.48 -9.79 12.54
N VAL B 48 9.27 -9.25 12.65
CA VAL B 48 8.98 -8.13 13.54
C VAL B 48 7.71 -8.46 14.31
N GLY B 49 7.69 -8.08 15.58
CA GLY B 49 6.51 -8.21 16.44
C GLY B 49 6.19 -6.88 17.08
N ALA B 50 4.90 -6.67 17.38
CA ALA B 50 4.48 -5.46 18.08
C ALA B 50 3.39 -5.82 19.08
N ALA B 51 3.41 -5.15 20.25
CA ALA B 51 2.34 -5.29 21.23
C ALA B 51 1.98 -3.92 21.79
N ALA B 52 0.69 -3.70 22.00
CA ALA B 52 0.21 -2.43 22.46
C ALA B 52 -0.85 -2.59 23.51
N LEU B 53 -0.78 -1.69 24.47
CA LEU B 53 -1.81 -1.52 25.49
C LEU B 53 -2.90 -0.57 24.95
N VAL B 54 -4.17 -0.94 25.17
CA VAL B 54 -5.32 -0.19 24.75
C VAL B 54 -5.94 0.46 26.00
N ASP B 55 -6.61 1.58 25.79
CA ASP B 55 -7.16 2.31 26.89
C ASP B 55 -8.28 1.59 27.60
N ASP B 56 -8.74 0.46 27.06
CA ASP B 56 -9.70 -0.41 27.80
C ASP B 56 -8.99 -1.46 28.67
N GLY B 57 -7.67 -1.43 28.70
CA GLY B 57 -6.86 -2.41 29.43
C GLY B 57 -6.43 -3.65 28.64
N ARG B 58 -6.97 -3.85 27.44
CA ARG B 58 -6.56 -4.98 26.59
C ARG B 58 -5.12 -4.78 26.12
N THR B 59 -4.39 -5.87 25.88
CA THR B 59 -3.15 -5.81 25.06
C THR B 59 -3.47 -6.44 23.73
N VAL B 60 -3.09 -5.78 22.62
CA VAL B 60 -3.24 -6.34 21.28
C VAL B 60 -1.84 -6.57 20.68
N THR B 61 -1.73 -7.55 19.79
CA THR B 61 -0.41 -7.87 19.25
C THR B 61 -0.49 -7.98 17.72
N GLY B 62 0.68 -8.02 17.09
CA GLY B 62 0.72 -8.25 15.67
C GLY B 62 2.14 -8.51 15.22
N CYS B 63 2.23 -9.15 14.06
CA CYS B 63 3.51 -9.47 13.45
C CYS B 63 3.44 -9.14 11.98
N ASN B 64 4.59 -8.91 11.33
CA ASN B 64 4.60 -8.59 9.91
C ASN B 64 4.22 -9.78 9.07
N VAL B 65 3.59 -9.47 7.94
CA VAL B 65 3.17 -10.46 6.98
C VAL B 65 3.52 -9.93 5.60
N GLU B 66 4.59 -10.45 5.02
CA GLU B 66 5.08 -10.05 3.71
C GLU B 66 4.26 -10.73 2.59
N ASN B 67 4.41 -10.23 1.38
CA ASN B 67 3.80 -10.79 0.21
C ASN B 67 4.81 -10.94 -0.92
N VAL B 68 4.52 -11.87 -1.83
CA VAL B 68 5.34 -12.07 -3.02
C VAL B 68 5.42 -10.80 -3.84
N SER B 69 4.33 -10.03 -3.86
CA SER B 69 4.36 -8.67 -4.38
C SER B 69 4.78 -7.77 -3.22
N TYR B 70 6.04 -7.32 -3.22
CA TYR B 70 6.60 -6.76 -1.97
C TYR B 70 5.76 -5.65 -1.32
N GLY B 71 5.21 -4.76 -2.15
CA GLY B 71 4.48 -3.60 -1.66
C GLY B 71 3.10 -3.91 -1.11
N LEU B 72 2.74 -5.19 -1.05
CA LEU B 72 1.51 -5.61 -0.38
C LEU B 72 1.78 -6.15 1.02
N GLY B 73 3.02 -6.04 1.46
CA GLY B 73 3.39 -6.48 2.81
C GLY B 73 2.75 -5.63 3.90
N LEU B 74 2.44 -6.27 5.03
CA LEU B 74 1.81 -5.59 6.16
C LEU B 74 2.77 -5.57 7.33
N CYS B 75 2.92 -4.42 7.97
CA CYS B 75 3.80 -4.28 9.11
C CYS B 75 3.12 -4.77 10.38
N ALA B 76 3.92 -5.17 11.36
CA ALA B 76 3.40 -5.60 12.64
C ALA B 76 2.49 -4.53 13.30
N GLU B 77 2.88 -3.26 13.19
CA GLU B 77 2.11 -2.17 13.76
C GLU B 77 0.74 -2.02 13.08
N CYS B 78 0.68 -2.28 11.77
CA CYS B 78 -0.61 -2.32 11.06
C CYS B 78 -1.52 -3.42 11.64
N ALA B 79 -0.92 -4.57 11.89
CA ALA B 79 -1.62 -5.72 12.47
C ALA B 79 -2.18 -5.34 13.84
N VAL B 80 -1.40 -4.57 14.61
CA VAL B 80 -1.86 -4.09 15.95
C VAL B 80 -3.12 -3.23 15.83
N VAL B 81 -3.09 -2.33 14.86
CA VAL B 81 -4.22 -1.46 14.64
C VAL B 81 -5.47 -2.20 14.15
N CYS B 82 -5.26 -3.22 13.31
CA CYS B 82 -6.36 -4.11 12.89
C CYS B 82 -7.03 -4.78 14.09
N ALA B 83 -6.20 -5.31 14.98
CA ALA B 83 -6.67 -6.04 16.16
C ALA B 83 -7.38 -5.11 17.12
N LEU B 84 -6.90 -3.87 17.16
CA LEU B 84 -7.54 -2.84 18.00
C LEU B 84 -9.01 -2.74 17.69
N HIS B 85 -9.34 -2.63 16.41
CA HIS B 85 -10.71 -2.45 16.00
C HIS B 85 -11.49 -3.74 15.91
N SER B 86 -10.91 -4.82 15.39
CA SER B 86 -11.69 -6.06 15.34
C SER B 86 -12.09 -6.50 16.75
N GLY B 87 -11.24 -6.20 17.74
CA GLY B 87 -11.52 -6.54 19.13
C GLY B 87 -12.37 -5.56 19.92
N GLY B 88 -12.94 -4.56 19.25
CA GLY B 88 -13.97 -3.70 19.86
C GLY B 88 -13.67 -2.22 19.86
N GLY B 89 -12.48 -1.88 19.36
CA GLY B 89 -12.10 -0.50 19.28
C GLY B 89 -11.40 0.01 20.52
N GLY B 90 -11.16 1.31 20.56
CA GLY B 90 -10.46 1.94 21.65
C GLY B 90 -9.31 2.76 21.11
N ARG B 91 -8.44 3.20 22.00
CA ARG B 91 -7.26 3.98 21.65
C ARG B 91 -6.01 3.27 22.13
N LEU B 92 -4.95 3.35 21.33
CA LEU B 92 -3.65 2.89 21.80
C LEU B 92 -3.04 3.86 22.80
N VAL B 93 -2.49 3.32 23.89
CA VAL B 93 -1.79 4.10 24.89
C VAL B 93 -0.27 3.89 24.86
N ALA B 94 0.18 2.69 24.50
CA ALA B 94 1.61 2.35 24.56
C ALA B 94 1.86 1.28 23.55
N LEU B 95 3.00 1.36 22.84
CA LEU B 95 3.35 0.35 21.86
C LEU B 95 4.84 0.03 21.92
N SER B 96 5.16 -1.27 21.86
CA SER B 96 6.52 -1.73 21.74
C SER B 96 6.64 -2.58 20.49
N CYS B 97 7.67 -2.28 19.68
CA CYS B 97 7.99 -3.00 18.45
CA CYS B 97 8.00 -3.02 18.48
C CYS B 97 9.40 -3.58 18.57
N VAL B 98 9.54 -4.87 18.26
CA VAL B 98 10.82 -5.57 18.43
C VAL B 98 11.24 -6.31 17.15
N GLY B 99 12.54 -6.34 16.92
CA GLY B 99 13.14 -6.99 15.75
C GLY B 99 13.77 -8.34 16.05
N PRO B 100 14.53 -8.87 15.07
CA PRO B 100 15.09 -10.21 15.14
C PRO B 100 15.95 -10.48 16.36
N ASP B 101 16.72 -9.49 16.82
CA ASP B 101 17.54 -9.68 18.03
C ASP B 101 16.84 -9.34 19.33
N GLY B 102 15.53 -9.10 19.25
CA GLY B 102 14.74 -8.72 20.39
C GLY B 102 14.84 -7.24 20.78
N GLY B 103 15.69 -6.49 20.10
CA GLY B 103 15.83 -5.07 20.29
C GLY B 103 14.63 -4.29 19.78
N VAL B 104 14.41 -3.14 20.41
CA VAL B 104 13.26 -2.29 20.16
C VAL B 104 13.51 -1.57 18.82
N LEU B 105 12.49 -1.52 17.97
CA LEU B 105 12.57 -0.86 16.66
C LEU B 105 11.61 0.32 16.58
N MET B 106 12.04 1.35 15.85
CA MET B 106 11.12 2.44 15.48
C MET B 106 10.22 2.06 14.32
N PRO B 107 8.91 2.34 14.43
CA PRO B 107 8.03 2.11 13.30
C PRO B 107 8.47 2.88 12.09
N CYS B 108 8.26 2.28 10.93
CA CYS B 108 8.45 2.97 9.66
C CYS B 108 7.49 4.13 9.53
N GLY B 109 7.74 4.96 8.52
CA GLY B 109 6.92 6.17 8.40
C GLY B 109 5.45 5.89 8.18
N ARG B 110 5.14 4.87 7.38
CA ARG B 110 3.74 4.49 7.18
C ARG B 110 3.07 4.17 8.50
N CYS B 111 3.70 3.31 9.30
CA CYS B 111 3.18 2.95 10.59
C CYS B 111 3.10 4.12 11.55
N ARG B 112 4.03 5.07 11.47
CA ARG B 112 3.92 6.26 12.31
C ARG B 112 2.62 7.00 11.99
N GLN B 113 2.32 7.15 10.70
CA GLN B 113 1.07 7.79 10.29
C GLN B 113 -0.19 7.00 10.73
N VAL B 114 -0.14 5.68 10.56
CA VAL B 114 -1.27 4.82 10.91
C VAL B 114 -1.47 4.88 12.43
N LEU B 115 -0.41 4.74 13.20
CA LEU B 115 -0.54 4.81 14.66
C LEU B 115 -1.07 6.15 15.17
N LEU B 116 -0.70 7.24 14.51
CA LEU B 116 -1.17 8.57 14.92
C LEU B 116 -2.69 8.65 14.96
N GLU B 117 -3.34 7.96 14.00
CA GLU B 117 -4.80 7.99 13.87
C GLU B 117 -5.46 7.30 15.07
N HIS B 118 -4.76 6.33 15.67
CA HIS B 118 -5.35 5.49 16.72
C HIS B 118 -4.80 5.66 18.12
N GLY B 119 -3.71 6.40 18.26
CA GLY B 119 -3.09 6.68 19.58
C GLY B 119 -2.83 8.18 19.80
N GLY B 120 -2.91 8.96 18.75
CA GLY B 120 -2.58 10.38 18.83
C GLY B 120 -1.09 10.68 19.01
N PRO B 121 -0.73 11.96 19.03
CA PRO B 121 0.65 12.38 19.24
C PRO B 121 1.21 11.94 20.59
N GLU B 122 0.35 11.71 21.58
CA GLU B 122 0.81 11.32 22.92
C GLU B 122 1.12 9.83 23.04
N LEU B 123 0.78 9.04 22.02
CA LEU B 123 1.03 7.62 22.08
C LEU B 123 2.49 7.37 22.42
N LEU B 124 2.73 6.51 23.40
CA LEU B 124 4.08 6.24 23.83
C LEU B 124 4.63 5.07 23.01
N ILE B 125 5.80 5.31 22.43
CA ILE B 125 6.52 4.35 21.62
C ILE B 125 7.78 3.87 22.36
N ASP B 126 7.92 2.56 22.56
CA ASP B 126 9.08 2.02 23.28
C ASP B 126 10.37 2.37 22.54
N HIS B 127 11.40 2.74 23.30
CA HIS B 127 12.74 2.90 22.77
CA HIS B 127 12.77 2.99 22.80
C HIS B 127 13.67 2.32 23.84
N ALA B 128 14.88 1.92 23.43
CA ALA B 128 15.79 1.22 24.35
C ALA B 128 15.93 1.83 25.75
N HIS B 129 16.01 3.16 25.83
CA HIS B 129 16.29 3.85 27.12
C HIS B 129 15.05 4.51 27.74
N GLY B 130 13.89 4.18 27.19
CA GLY B 130 12.62 4.69 27.68
C GLY B 130 11.76 5.20 26.55
N PRO B 131 10.46 5.22 26.77
CA PRO B 131 9.51 5.53 25.74
C PRO B 131 9.51 7.00 25.42
N ARG B 132 9.12 7.30 24.20
CA ARG B 132 8.89 8.67 23.80
C ARG B 132 7.59 8.79 23.01
N PRO B 133 7.04 9.99 23.02
CA PRO B 133 5.76 10.19 22.36
C PRO B 133 5.89 10.14 20.88
N LEU B 134 4.83 9.67 20.23
CA LEU B 134 4.82 9.57 18.78
C LEU B 134 5.00 10.90 18.10
N ARG B 135 4.55 11.97 18.75
CA ARG B 135 4.69 13.26 18.11
C ARG B 135 6.13 13.59 17.79
N GLU B 136 7.08 13.07 18.57
CA GLU B 136 8.50 13.27 18.28
C GLU B 136 8.95 12.54 17.04
N LEU B 137 8.27 11.44 16.71
CA LEU B 137 8.65 10.59 15.58
C LEU B 137 7.98 11.02 14.29
N LEU B 138 6.93 11.83 14.41
CA LEU B 138 6.19 12.28 13.23
C LEU B 138 5.63 13.69 13.46
N PRO B 139 6.52 14.69 13.49
CA PRO B 139 6.12 16.07 13.79
C PRO B 139 5.33 16.69 12.62
N ASP B 140 4.53 17.71 12.93
CA ASP B 140 3.79 18.47 11.89
C ASP B 140 3.04 17.48 10.99
N ALA B 141 2.41 16.50 11.59
CA ALA B 141 1.94 15.35 10.83
C ALA B 141 0.83 15.76 9.88
N PHE B 142 0.90 15.28 8.64
CA PHE B 142 -0.25 15.38 7.72
C PHE B 142 -1.51 14.96 8.53
N GLY B 143 -2.58 15.75 8.36
CA GLY B 143 -3.87 15.47 9.01
C GLY B 143 -4.98 16.43 8.60
N VAL C 23 -17.50 -26.53 5.83
CA VAL C 23 -17.61 -25.06 6.11
C VAL C 23 -19.03 -24.60 6.43
N ASN C 24 -19.16 -23.94 7.58
CA ASN C 24 -20.45 -23.34 7.96
C ASN C 24 -20.50 -21.89 7.46
N TRP C 25 -21.00 -21.70 6.24
CA TRP C 25 -21.02 -20.37 5.64
C TRP C 25 -21.90 -19.43 6.41
N ASN C 26 -23.04 -19.92 6.91
CA ASN C 26 -23.88 -19.03 7.67
C ASN C 26 -23.17 -18.48 8.92
N ALA C 27 -22.36 -19.32 9.56
CA ALA C 27 -21.56 -18.91 10.72
C ALA C 27 -20.53 -17.85 10.32
N LEU C 28 -19.84 -18.06 9.20
CA LEU C 28 -18.85 -17.10 8.74
C LEU C 28 -19.48 -15.72 8.43
N ARG C 29 -20.61 -15.71 7.74
CA ARG C 29 -21.29 -14.47 7.42
C ARG C 29 -21.75 -13.75 8.67
N SER C 30 -22.27 -14.50 9.63
CA SER C 30 -22.68 -13.93 10.91
CA SER C 30 -22.68 -13.92 10.89
C SER C 30 -21.50 -13.26 11.59
N LYS C 31 -20.36 -13.95 11.58
CA LYS C 31 -19.13 -13.40 12.20
C LYS C 31 -18.60 -12.17 11.48
N ALA C 32 -18.69 -12.19 10.16
CA ALA C 32 -18.26 -11.03 9.36
C ALA C 32 -19.15 -9.81 9.62
N ILE C 33 -20.47 -10.03 9.66
CA ILE C 33 -21.39 -8.95 10.01
C ILE C 33 -21.09 -8.39 11.41
N GLU C 34 -20.87 -9.25 12.40
CA GLU C 34 -20.57 -8.85 13.76
CA GLU C 34 -20.62 -8.77 13.74
C GLU C 34 -19.32 -7.94 13.79
N VAL C 35 -18.25 -8.41 13.15
CA VAL C 35 -16.99 -7.61 13.14
C VAL C 35 -17.10 -6.30 12.36
N SER C 36 -17.97 -6.25 11.34
CA SER C 36 -18.16 -5.03 10.53
C SER C 36 -18.67 -3.86 11.40
N ARG C 37 -19.40 -4.17 12.49
CA ARG C 37 -19.86 -3.13 13.42
C ARG C 37 -18.70 -2.34 14.08
N HIS C 38 -17.49 -2.92 14.06
CA HIS C 38 -16.30 -2.28 14.63
C HIS C 38 -15.39 -1.59 13.58
N ALA C 39 -15.80 -1.62 12.31
CA ALA C 39 -15.01 -1.04 11.24
C ALA C 39 -14.66 0.41 11.54
N TYR C 40 -13.46 0.82 11.15
CA TYR C 40 -13.06 2.22 11.23
C TYR C 40 -13.02 2.74 9.78
N ALA C 41 -14.14 3.32 9.32
CA ALA C 41 -14.25 3.78 7.93
C ALA C 41 -14.94 5.14 7.81
N PRO C 42 -14.41 6.15 8.54
CA PRO C 42 -15.11 7.44 8.59
C PRO C 42 -14.95 8.27 7.34
N TYR C 43 -13.95 7.94 6.50
CA TYR C 43 -13.74 8.65 5.25
C TYR C 43 -14.66 8.20 4.14
N SER C 44 -14.76 6.90 3.90
CA SER C 44 -15.69 6.35 2.90
C SER C 44 -17.14 6.20 3.38
N GLY C 45 -17.34 6.08 4.68
CA GLY C 45 -18.62 5.66 5.22
C GLY C 45 -19.01 4.24 4.81
N PHE C 46 -18.02 3.38 4.52
CA PHE C 46 -18.27 2.08 3.93
C PHE C 46 -17.60 1.00 4.78
N PRO C 47 -18.27 0.60 5.88
CA PRO C 47 -17.67 -0.43 6.74
C PRO C 47 -17.71 -1.81 6.15
N VAL C 48 -16.65 -2.58 6.38
CA VAL C 48 -16.55 -3.94 5.89
C VAL C 48 -16.08 -4.86 7.02
N GLY C 49 -16.74 -6.01 7.12
CA GLY C 49 -16.30 -7.11 8.00
C GLY C 49 -15.85 -8.30 7.20
N ALA C 50 -14.96 -9.10 7.78
CA ALA C 50 -14.57 -10.34 7.14
C ALA C 50 -14.29 -11.39 8.21
N ALA C 51 -14.58 -12.62 7.86
CA ALA C 51 -14.27 -13.76 8.73
C ALA C 51 -13.77 -14.93 7.90
N ALA C 52 -12.82 -15.68 8.44
CA ALA C 52 -12.29 -16.84 7.72
C ALA C 52 -12.12 -18.01 8.62
N LEU C 53 -12.36 -19.17 8.08
CA LEU C 53 -12.05 -20.44 8.71
C LEU C 53 -10.61 -20.81 8.37
N VAL C 54 -9.87 -21.18 9.40
CA VAL C 54 -8.48 -21.64 9.31
C VAL C 54 -8.45 -23.18 9.34
N ASP C 55 -7.41 -23.76 8.74
CA ASP C 55 -7.26 -25.21 8.68
C ASP C 55 -7.05 -25.91 10.04
N ASP C 56 -6.77 -25.12 11.09
CA ASP C 56 -6.75 -25.68 12.46
C ASP C 56 -8.13 -25.65 13.07
N GLY C 57 -9.11 -25.12 12.34
CA GLY C 57 -10.48 -25.14 12.79
C GLY C 57 -10.97 -23.87 13.48
N ARG C 58 -10.07 -22.92 13.76
CA ARG C 58 -10.54 -21.70 14.35
C ARG C 58 -11.01 -20.69 13.30
N THR C 59 -11.74 -19.69 13.75
CA THR C 59 -12.20 -18.61 12.89
C THR C 59 -11.46 -17.34 13.25
N VAL C 60 -10.97 -16.61 12.26
CA VAL C 60 -10.39 -15.28 12.48
C VAL C 60 -11.27 -14.24 11.82
N THR C 61 -11.20 -13.03 12.31
CA THR C 61 -12.00 -11.93 11.81
C THR C 61 -11.17 -10.66 11.65
N GLY C 62 -11.74 -9.74 10.88
CA GLY C 62 -11.12 -8.43 10.66
C GLY C 62 -12.10 -7.44 10.11
N CYS C 63 -11.84 -6.17 10.34
CA CYS C 63 -12.63 -5.12 9.74
C CYS C 63 -11.72 -4.10 9.14
N ASN C 64 -12.24 -3.30 8.21
CA ASN C 64 -11.43 -2.29 7.56
C ASN C 64 -11.03 -1.16 8.53
N VAL C 65 -9.87 -0.57 8.28
CA VAL C 65 -9.37 0.54 9.10
C VAL C 65 -8.77 1.56 8.13
N GLU C 66 -9.52 2.62 7.86
CA GLU C 66 -9.08 3.71 7.01
C GLU C 66 -8.08 4.65 7.70
N ASN C 67 -7.41 5.48 6.91
CA ASN C 67 -6.48 6.51 7.36
C ASN C 67 -6.70 7.82 6.64
N VAL C 68 -6.35 8.93 7.30
CA VAL C 68 -6.46 10.28 6.71
C VAL C 68 -5.68 10.33 5.39
N SER C 69 -4.53 9.61 5.30
CA SER C 69 -3.85 9.39 4.03
C SER C 69 -4.49 8.16 3.42
N TYR C 70 -5.29 8.36 2.38
CA TYR C 70 -6.22 7.31 1.93
C TYR C 70 -5.51 6.00 1.63
N GLY C 71 -4.36 6.11 0.95
CA GLY C 71 -3.57 4.96 0.57
C GLY C 71 -2.94 4.13 1.68
N LEU C 72 -3.14 4.52 2.93
CA LEU C 72 -2.66 3.71 4.07
C LEU C 72 -3.79 2.91 4.74
N GLY C 73 -4.96 2.93 4.14
CA GLY C 73 -6.10 2.16 4.65
C GLY C 73 -5.84 0.65 4.52
N LEU C 74 -6.34 -0.07 5.50
CA LEU C 74 -6.22 -1.54 5.59
C LEU C 74 -7.60 -2.12 5.36
N CYS C 75 -7.70 -3.08 4.44
CA CYS C 75 -8.93 -3.84 4.22
C CYS C 75 -9.17 -4.88 5.33
N ALA C 76 -10.45 -5.18 5.52
CA ALA C 76 -10.88 -6.26 6.41
C ALA C 76 -10.12 -7.59 6.15
N GLU C 77 -9.92 -7.94 4.88
CA GLU C 77 -9.24 -9.18 4.49
C GLU C 77 -7.77 -9.14 4.90
N CYS C 78 -7.15 -7.97 4.86
CA CYS C 78 -5.80 -7.78 5.38
C CYS C 78 -5.76 -8.05 6.89
N ALA C 79 -6.74 -7.52 7.64
CA ALA C 79 -6.88 -7.76 9.06
C ALA C 79 -6.98 -9.25 9.36
N VAL C 80 -7.76 -9.96 8.55
CA VAL C 80 -7.92 -11.42 8.67
C VAL C 80 -6.57 -12.12 8.57
N VAL C 81 -5.78 -11.75 7.59
CA VAL C 81 -4.47 -12.36 7.38
C VAL C 81 -3.51 -12.04 8.52
N CYS C 82 -3.61 -10.83 9.06
CA CYS C 82 -2.76 -10.47 10.21
C CYS C 82 -3.12 -11.33 11.40
N ALA C 83 -4.43 -11.51 11.63
CA ALA C 83 -4.88 -12.36 12.75
C ALA C 83 -4.56 -13.85 12.57
N LEU C 84 -4.56 -14.31 11.33
CA LEU C 84 -4.18 -15.66 11.01
C LEU C 84 -2.80 -15.91 11.61
N HIS C 85 -1.89 -14.98 11.37
CA HIS C 85 -0.52 -15.20 11.80
C HIS C 85 -0.29 -14.86 13.27
N SER C 86 -0.81 -13.74 13.76
CA SER C 86 -0.61 -13.42 15.17
C SER C 86 -1.23 -14.47 16.09
N GLY C 87 -2.27 -15.16 15.62
CA GLY C 87 -2.93 -16.17 16.42
C GLY C 87 -2.32 -17.54 16.28
N GLY C 88 -1.15 -17.62 15.63
CA GLY C 88 -0.38 -18.87 15.55
C GLY C 88 -0.18 -19.51 14.20
N GLY C 89 -0.60 -18.84 13.13
CA GLY C 89 -0.36 -19.34 11.78
C GLY C 89 -1.40 -20.34 11.27
N GLY C 90 -1.09 -20.95 10.13
CA GLY C 90 -2.02 -21.84 9.41
C GLY C 90 -2.37 -21.38 8.02
N ARG C 91 -3.35 -22.04 7.43
CA ARG C 91 -3.84 -21.78 6.08
C ARG C 91 -5.33 -21.45 6.13
N LEU C 92 -5.76 -20.48 5.32
CA LEU C 92 -7.15 -20.13 5.23
C LEU C 92 -7.84 -21.13 4.33
N VAL C 93 -9.01 -21.58 4.76
CA VAL C 93 -9.84 -22.53 4.02
C VAL C 93 -11.04 -21.84 3.34
N ALA C 94 -11.63 -20.87 4.03
CA ALA C 94 -12.83 -20.19 3.53
C ALA C 94 -12.92 -18.81 4.15
N LEU C 95 -13.40 -17.84 3.35
CA LEU C 95 -13.53 -16.44 3.74
C LEU C 95 -14.86 -15.82 3.25
N SER C 96 -15.55 -15.15 4.16
CA SER C 96 -16.68 -14.29 3.82
CA SER C 96 -16.71 -14.30 3.87
C SER C 96 -16.39 -12.83 4.16
N CYS C 97 -16.66 -11.95 3.19
CA CYS C 97 -16.57 -10.49 3.40
CA CYS C 97 -16.53 -10.51 3.35
C CYS C 97 -17.94 -9.90 3.20
N VAL C 98 -18.33 -9.04 4.13
CA VAL C 98 -19.66 -8.43 4.05
C VAL C 98 -19.56 -6.94 4.15
N GLY C 99 -20.45 -6.30 3.41
CA GLY C 99 -20.44 -4.85 3.31
C GLY C 99 -21.39 -4.24 4.31
N PRO C 100 -21.62 -2.92 4.16
CA PRO C 100 -22.47 -2.12 5.06
C PRO C 100 -23.90 -2.65 5.28
N ASP C 101 -24.52 -3.24 4.24
CA ASP C 101 -25.89 -3.79 4.37
C ASP C 101 -25.96 -5.27 4.75
N GLY C 102 -24.81 -5.92 4.98
CA GLY C 102 -24.83 -7.37 5.30
C GLY C 102 -24.65 -8.25 4.06
N GLY C 103 -24.62 -7.62 2.91
CA GLY C 103 -24.48 -8.32 1.66
C GLY C 103 -23.02 -8.66 1.42
N VAL C 104 -22.83 -9.76 0.71
CA VAL C 104 -21.50 -10.31 0.51
C VAL C 104 -20.81 -9.44 -0.50
N LEU C 105 -19.55 -9.14 -0.19
CA LEU C 105 -18.70 -8.31 -1.04
C LEU C 105 -17.50 -9.08 -1.56
N MET C 106 -17.06 -8.66 -2.75
CA MET C 106 -15.88 -9.22 -3.40
C MET C 106 -14.63 -8.52 -2.92
N PRO C 107 -13.61 -9.29 -2.50
CA PRO C 107 -12.33 -8.70 -2.16
C PRO C 107 -11.76 -7.89 -3.32
N CYS C 108 -11.16 -6.75 -2.98
CA CYS C 108 -10.39 -5.96 -3.94
C CYS C 108 -9.19 -6.77 -4.44
N GLY C 109 -8.58 -6.35 -5.53
CA GLY C 109 -7.46 -7.09 -6.11
C GLY C 109 -6.26 -7.24 -5.21
N ARG C 110 -6.00 -6.25 -4.37
CA ARG C 110 -4.88 -6.35 -3.45
C ARG C 110 -5.15 -7.52 -2.50
N CYS C 111 -6.37 -7.61 -1.99
CA CYS C 111 -6.74 -8.64 -1.02
C CYS C 111 -6.75 -10.00 -1.66
N ARG C 112 -7.17 -10.06 -2.92
CA ARG C 112 -7.09 -11.34 -3.63
C ARG C 112 -5.64 -11.84 -3.66
N GLN C 113 -4.69 -10.97 -3.97
CA GLN C 113 -3.27 -11.40 -3.98
C GLN C 113 -2.77 -11.79 -2.59
N VAL C 114 -3.10 -10.97 -1.57
CA VAL C 114 -2.70 -11.27 -0.22
C VAL C 114 -3.33 -12.61 0.23
N LEU C 115 -4.63 -12.79 0.00
CA LEU C 115 -5.32 -14.03 0.36
C LEU C 115 -4.71 -15.25 -0.32
N LEU C 116 -4.27 -15.10 -1.56
CA LEU C 116 -3.68 -16.23 -2.30
C LEU C 116 -2.43 -16.80 -1.62
N GLU C 117 -1.62 -15.92 -1.03
CA GLU C 117 -0.45 -16.36 -0.31
C GLU C 117 -0.76 -17.23 0.88
N HIS C 118 -1.93 -17.05 1.49
CA HIS C 118 -2.25 -17.69 2.78
C HIS C 118 -3.33 -18.73 2.69
N GLY C 119 -3.94 -18.86 1.52
CA GLY C 119 -4.99 -19.87 1.29
C GLY C 119 -4.85 -20.67 0.02
N GLY C 120 -4.06 -20.16 -0.94
CA GLY C 120 -3.87 -20.77 -2.24
C GLY C 120 -5.07 -20.64 -3.15
N PRO C 121 -4.99 -21.25 -4.34
CA PRO C 121 -6.08 -21.16 -5.33
C PRO C 121 -7.41 -21.81 -4.87
N GLU C 122 -7.34 -22.75 -3.94
CA GLU C 122 -8.54 -23.49 -3.50
CA GLU C 122 -8.53 -23.51 -3.50
C GLU C 122 -9.27 -22.87 -2.33
N LEU C 123 -8.72 -21.78 -1.77
CA LEU C 123 -9.39 -21.00 -0.75
C LEU C 123 -10.76 -20.62 -1.28
N LEU C 124 -11.81 -20.92 -0.53
CA LEU C 124 -13.16 -20.53 -0.95
C LEU C 124 -13.51 -19.10 -0.53
N ILE C 125 -13.99 -18.31 -1.49
CA ILE C 125 -14.36 -16.92 -1.24
C ILE C 125 -15.87 -16.75 -1.41
N ASP C 126 -16.52 -16.22 -0.39
CA ASP C 126 -18.00 -16.04 -0.43
C ASP C 126 -18.32 -15.05 -1.52
N HIS C 127 -19.44 -15.27 -2.19
CA HIS C 127 -19.88 -14.30 -3.20
C HIS C 127 -21.40 -14.14 -3.08
N ALA C 128 -21.92 -12.93 -3.32
CA ALA C 128 -23.38 -12.69 -3.28
C ALA C 128 -24.17 -13.78 -4.00
N HIS C 129 -23.55 -14.38 -5.02
CA HIS C 129 -24.14 -15.44 -5.82
C HIS C 129 -23.59 -16.83 -5.59
N GLY C 130 -22.86 -17.04 -4.51
CA GLY C 130 -22.41 -18.39 -4.13
C GLY C 130 -20.90 -18.46 -4.06
N PRO C 131 -20.35 -19.12 -3.01
CA PRO C 131 -18.90 -19.19 -2.86
C PRO C 131 -18.17 -19.94 -3.98
N ARG C 132 -16.92 -19.55 -4.22
CA ARG C 132 -16.13 -20.12 -5.28
C ARG C 132 -14.65 -19.96 -4.99
N PRO C 133 -13.83 -20.78 -5.62
CA PRO C 133 -12.41 -20.78 -5.32
C PRO C 133 -11.73 -19.50 -5.77
N LEU C 134 -10.72 -19.12 -5.01
CA LEU C 134 -9.94 -17.92 -5.31
C LEU C 134 -9.27 -17.98 -6.70
N ARG C 135 -8.89 -19.16 -7.19
CA ARG C 135 -8.32 -19.22 -8.54
C ARG C 135 -9.27 -18.65 -9.61
N GLU C 136 -10.58 -18.78 -9.41
CA GLU C 136 -11.54 -18.21 -10.36
C GLU C 136 -11.58 -16.68 -10.30
N LEU C 137 -11.21 -16.12 -9.15
CA LEU C 137 -11.23 -14.67 -8.93
C LEU C 137 -9.87 -14.01 -9.14
N LEU C 138 -8.78 -14.80 -9.21
CA LEU C 138 -7.48 -14.24 -9.56
C LEU C 138 -6.71 -15.25 -10.44
N PRO C 139 -7.18 -15.45 -11.67
CA PRO C 139 -6.55 -16.42 -12.57
C PRO C 139 -5.16 -15.97 -12.98
N ASP C 140 -4.29 -16.95 -13.26
CA ASP C 140 -2.95 -16.71 -13.73
C ASP C 140 -2.22 -15.71 -12.84
N ALA C 141 -2.27 -15.95 -11.54
CA ALA C 141 -1.79 -14.97 -10.61
C ALA C 141 -0.28 -14.80 -10.70
N PHE C 142 0.18 -13.58 -10.45
CA PHE C 142 1.60 -13.35 -10.15
C PHE C 142 1.99 -14.19 -8.92
N GLY C 143 3.15 -14.87 -9.01
CA GLY C 143 3.59 -15.73 -7.89
C GLY C 143 5.08 -16.03 -7.82
N PRO C 144 5.49 -16.85 -6.81
CA PRO C 144 6.92 -17.18 -6.60
C PRO C 144 7.57 -17.87 -7.79
N ASP C 145 6.81 -18.67 -8.55
CA ASP C 145 7.32 -19.27 -9.78
C ASP C 145 7.70 -18.16 -10.78
N SER D 21 20.79 25.48 -1.86
CA SER D 21 21.14 26.95 -1.93
C SER D 21 20.62 27.57 -3.23
N MET D 22 20.77 26.82 -4.33
CA MET D 22 20.32 27.30 -5.63
C MET D 22 18.88 26.85 -5.93
N VAL D 23 18.14 26.31 -4.94
CA VAL D 23 16.80 25.81 -5.25
C VAL D 23 15.83 26.97 -5.44
N ASN D 24 15.16 26.97 -6.56
CA ASN D 24 14.13 27.96 -6.85
C ASN D 24 12.79 27.41 -6.35
N TRP D 25 12.46 27.73 -5.11
CA TRP D 25 11.23 27.17 -4.48
C TRP D 25 9.96 27.66 -5.14
N ASN D 26 9.92 28.93 -5.57
CA ASN D 26 8.73 29.43 -6.23
C ASN D 26 8.43 28.64 -7.51
N ALA D 27 9.49 28.31 -8.24
CA ALA D 27 9.34 27.58 -9.47
C ALA D 27 8.92 26.15 -9.20
N LEU D 28 9.42 25.56 -8.12
CA LEU D 28 9.09 24.20 -7.80
C LEU D 28 7.62 24.13 -7.34
N ARG D 29 7.20 25.08 -6.51
CA ARG D 29 5.79 25.17 -6.10
CA ARG D 29 5.80 25.17 -6.09
C ARG D 29 4.86 25.31 -7.30
N SER D 30 5.26 26.12 -8.27
CA SER D 30 4.47 26.35 -9.46
CA SER D 30 4.49 26.36 -9.48
C SER D 30 4.30 25.06 -10.27
N LYS D 31 5.36 24.26 -10.33
CA LYS D 31 5.27 22.96 -10.98
C LYS D 31 4.32 22.01 -10.25
N ALA D 32 4.36 22.04 -8.91
CA ALA D 32 3.45 21.23 -8.08
C ALA D 32 2.02 21.64 -8.30
N ILE D 33 1.76 22.94 -8.33
CA ILE D 33 0.39 23.41 -8.55
C ILE D 33 -0.11 22.97 -9.92
N GLU D 34 0.74 23.10 -10.94
CA GLU D 34 0.44 22.71 -12.31
CA GLU D 34 0.32 22.74 -12.29
C GLU D 34 0.03 21.25 -12.38
N VAL D 35 0.88 20.38 -11.80
CA VAL D 35 0.60 18.94 -11.86
C VAL D 35 -0.63 18.58 -11.00
N SER D 36 -0.89 19.36 -9.96
CA SER D 36 -2.06 19.08 -9.12
C SER D 36 -3.37 19.05 -9.92
N ARG D 37 -3.43 19.82 -11.00
CA ARG D 37 -4.65 19.94 -11.78
C ARG D 37 -4.98 18.65 -12.49
N HIS D 38 -3.99 17.74 -12.61
CA HIS D 38 -4.22 16.46 -13.27
C HIS D 38 -4.53 15.36 -12.29
N ALA D 39 -4.66 15.70 -11.01
CA ALA D 39 -4.90 14.65 -9.99
C ALA D 39 -6.16 13.84 -10.30
N TYR D 40 -6.12 12.57 -9.93
CA TYR D 40 -7.30 11.71 -9.91
C TYR D 40 -7.68 11.56 -8.45
N ALA D 41 -8.52 12.48 -7.96
CA ALA D 41 -8.91 12.46 -6.57
C ALA D 41 -10.41 12.60 -6.40
N PRO D 42 -11.20 11.74 -7.05
CA PRO D 42 -12.67 11.89 -6.99
C PRO D 42 -13.28 11.51 -5.65
N TYR D 43 -12.60 10.67 -4.85
CA TYR D 43 -13.19 10.19 -3.60
C TYR D 43 -12.99 11.22 -2.50
N SER D 44 -11.80 11.80 -2.39
CA SER D 44 -11.59 12.87 -1.39
C SER D 44 -12.06 14.23 -1.87
N GLY D 45 -12.03 14.43 -3.18
CA GLY D 45 -12.27 15.72 -3.80
C GLY D 45 -11.09 16.68 -3.70
N PHE D 46 -9.95 16.17 -3.26
CA PHE D 46 -8.81 16.98 -2.85
C PHE D 46 -7.56 16.62 -3.68
N PRO D 47 -7.29 17.40 -4.73
CA PRO D 47 -6.13 17.08 -5.55
C PRO D 47 -4.85 17.57 -4.91
N VAL D 48 -3.79 16.79 -5.08
CA VAL D 48 -2.48 17.14 -4.55
C VAL D 48 -1.46 17.02 -5.68
N GLY D 49 -0.59 18.01 -5.79
CA GLY D 49 0.57 17.88 -6.65
C GLY D 49 1.89 17.98 -5.88
N ALA D 50 2.92 17.39 -6.45
CA ALA D 50 4.25 17.45 -5.91
C ALA D 50 5.24 17.61 -7.06
N ALA D 51 6.30 18.32 -6.78
CA ALA D 51 7.39 18.50 -7.73
C ALA D 51 8.70 18.43 -6.98
N ALA D 52 9.70 17.81 -7.60
CA ALA D 52 10.97 17.65 -6.99
C ALA D 52 12.12 17.94 -7.95
N LEU D 53 13.11 18.64 -7.44
CA LEU D 53 14.37 18.86 -8.16
C LEU D 53 15.27 17.67 -7.90
N VAL D 54 15.78 17.10 -8.98
CA VAL D 54 16.68 15.98 -8.99
C VAL D 54 18.15 16.47 -9.15
N ASP D 55 19.09 15.67 -8.66
CA ASP D 55 20.50 16.05 -8.75
C ASP D 55 21.05 16.01 -10.17
N ASP D 56 20.23 15.63 -11.15
CA ASP D 56 20.58 15.83 -12.56
C ASP D 56 20.00 17.11 -13.17
N GLY D 57 19.45 17.99 -12.31
CA GLY D 57 18.89 19.24 -12.79
C GLY D 57 17.47 19.16 -13.29
N ARG D 58 16.87 17.98 -13.40
CA ARG D 58 15.51 17.99 -13.87
C ARG D 58 14.49 18.11 -12.75
N THR D 59 13.27 18.52 -13.09
CA THR D 59 12.15 18.57 -12.13
C THR D 59 11.22 17.43 -12.50
N VAL D 60 10.94 16.54 -11.56
CA VAL D 60 9.92 15.52 -11.78
C VAL D 60 8.69 15.93 -10.99
N THR D 61 7.54 15.50 -11.51
CA THR D 61 6.27 15.86 -10.93
C THR D 61 5.42 14.63 -10.71
N GLY D 62 4.35 14.81 -9.93
CA GLY D 62 3.41 13.73 -9.66
C GLY D 62 2.16 14.30 -9.01
N CYS D 63 1.02 13.65 -9.26
CA CYS D 63 -0.21 13.99 -8.60
C CYS D 63 -0.83 12.77 -7.97
N ASN D 64 -1.71 12.98 -6.98
CA ASN D 64 -2.35 11.82 -6.35
C ASN D 64 -3.31 11.07 -7.29
N VAL D 65 -3.40 9.75 -7.09
CA VAL D 65 -4.26 8.87 -7.85
C VAL D 65 -4.95 7.94 -6.85
N GLU D 66 -6.19 8.27 -6.53
CA GLU D 66 -6.99 7.51 -5.59
C GLU D 66 -7.57 6.27 -6.25
N ASN D 67 -8.09 5.35 -5.44
CA ASN D 67 -8.73 4.11 -5.93
C ASN D 67 -10.01 3.80 -5.14
N VAL D 68 -10.92 3.06 -5.78
CA VAL D 68 -12.19 2.66 -5.13
C VAL D 68 -11.92 1.88 -3.86
N SER D 69 -10.84 1.08 -3.89
CA SER D 69 -10.31 0.47 -2.69
C SER D 69 -9.38 1.48 -2.09
N TYR D 70 -9.82 2.19 -1.03
CA TYR D 70 -9.11 3.40 -0.60
C TYR D 70 -7.63 3.20 -0.35
N GLY D 71 -7.27 2.06 0.25
CA GLY D 71 -5.91 1.76 0.61
C GLY D 71 -4.95 1.48 -0.55
N LEU D 72 -5.48 1.51 -1.77
CA LEU D 72 -4.66 1.35 -2.96
C LEU D 72 -4.31 2.72 -3.59
N GLY D 73 -4.78 3.78 -2.96
CA GLY D 73 -4.44 5.16 -3.36
C GLY D 73 -2.92 5.43 -3.33
N LEU D 74 -2.49 6.23 -4.28
CA LEU D 74 -1.07 6.61 -4.46
C LEU D 74 -1.01 8.11 -4.22
N CYS D 75 -0.09 8.52 -3.36
CA CYS D 75 0.15 9.93 -3.10
C CYS D 75 0.97 10.57 -4.21
N ALA D 76 0.84 11.88 -4.31
CA ALA D 76 1.63 12.63 -5.27
C ALA D 76 3.13 12.38 -5.14
N GLU D 77 3.60 12.32 -3.89
CA GLU D 77 5.04 12.14 -3.62
C GLU D 77 5.52 10.74 -4.10
N CYS D 78 4.65 9.73 -3.98
CA CYS D 78 4.92 8.39 -4.55
C CYS D 78 5.09 8.48 -6.08
N ALA D 79 4.23 9.28 -6.72
CA ALA D 79 4.28 9.47 -8.13
C ALA D 79 5.60 10.15 -8.53
N VAL D 80 6.04 11.09 -7.71
CA VAL D 80 7.34 11.74 -7.96
C VAL D 80 8.48 10.71 -7.96
N VAL D 81 8.53 9.82 -6.97
CA VAL D 81 9.52 8.78 -6.91
C VAL D 81 9.47 7.82 -8.14
N CYS D 82 8.26 7.49 -8.58
CA CYS D 82 8.12 6.67 -9.78
C CYS D 82 8.75 7.37 -10.97
N ALA D 83 8.47 8.65 -11.12
CA ALA D 83 9.00 9.43 -12.25
C ALA D 83 10.50 9.58 -12.17
N LEU D 84 11.03 9.77 -10.98
CA LEU D 84 12.47 9.79 -10.74
C LEU D 84 13.17 8.63 -11.40
N HIS D 85 12.68 7.41 -11.13
CA HIS D 85 13.30 6.24 -11.66
C HIS D 85 12.97 5.94 -13.10
N SER D 86 11.73 6.08 -13.51
CA SER D 86 11.35 5.81 -14.91
CA SER D 86 11.36 5.77 -14.89
C SER D 86 12.10 6.71 -15.86
N GLY D 87 12.45 7.90 -15.38
CA GLY D 87 13.16 8.87 -16.18
C GLY D 87 14.65 8.75 -16.06
N GLY D 88 15.18 7.73 -15.39
CA GLY D 88 16.63 7.47 -15.45
C GLY D 88 17.36 7.44 -14.11
N GLY D 89 16.62 7.64 -13.02
CA GLY D 89 17.21 7.61 -11.71
C GLY D 89 17.71 8.97 -11.26
N GLY D 90 18.39 8.92 -10.12
CA GLY D 90 18.93 10.08 -9.48
C GLY D 90 18.54 10.16 -8.01
N ARG D 91 18.91 11.28 -7.46
CA ARG D 91 18.60 11.65 -6.08
C ARG D 91 17.78 12.92 -6.02
N LEU D 92 16.77 12.91 -5.15
CA LEU D 92 15.97 14.07 -4.91
C LEU D 92 16.70 15.07 -4.01
N VAL D 93 16.70 16.33 -4.41
CA VAL D 93 17.32 17.42 -3.66
C VAL D 93 16.32 18.27 -2.87
N ALA D 94 15.19 18.51 -3.48
CA ALA D 94 14.16 19.35 -2.89
C ALA D 94 12.80 18.93 -3.43
N LEU D 95 11.77 19.05 -2.59
CA LEU D 95 10.40 18.68 -2.94
C LEU D 95 9.39 19.65 -2.37
N SER D 96 8.43 20.05 -3.20
CA SER D 96 7.29 20.82 -2.78
C SER D 96 6.01 20.05 -3.05
N CYS D 97 5.13 20.01 -2.05
CA CYS D 97 3.82 19.39 -2.17
CA CYS D 97 3.80 19.40 -2.14
C CYS D 97 2.73 20.44 -1.87
N VAL D 98 1.71 20.48 -2.69
CA VAL D 98 0.69 21.52 -2.57
C VAL D 98 -0.70 20.98 -2.83
N GLY D 99 -1.69 21.66 -2.25
CA GLY D 99 -3.11 21.55 -2.66
C GLY D 99 -3.47 22.52 -3.80
N PRO D 100 -4.73 22.49 -4.25
CA PRO D 100 -5.10 23.27 -5.46
C PRO D 100 -4.87 24.80 -5.31
N ASP D 101 -5.12 25.29 -4.10
CA ASP D 101 -4.88 26.70 -3.75
C ASP D 101 -3.41 27.08 -3.64
N GLY D 102 -2.50 26.13 -3.88
CA GLY D 102 -1.08 26.40 -3.78
C GLY D 102 -0.55 26.35 -2.37
N GLY D 103 -1.41 26.05 -1.39
CA GLY D 103 -1.00 25.92 0.00
C GLY D 103 -0.09 24.70 0.16
N VAL D 104 1.02 24.88 0.86
CA VAL D 104 2.04 23.83 0.99
C VAL D 104 1.55 22.80 1.99
N LEU D 105 1.73 21.53 1.65
CA LEU D 105 1.35 20.41 2.47
C LEU D 105 2.51 19.60 2.94
N MET D 106 2.35 19.01 4.12
CA MET D 106 3.37 18.10 4.63
C MET D 106 3.13 16.68 4.13
N PRO D 107 4.17 16.05 3.61
CA PRO D 107 3.98 14.66 3.22
C PRO D 107 3.53 13.77 4.36
N CYS D 108 2.70 12.78 4.04
CA CYS D 108 2.27 11.82 5.07
C CYS D 108 3.44 10.89 5.45
N GLY D 109 3.26 10.16 6.52
CA GLY D 109 4.35 9.31 7.03
C GLY D 109 4.87 8.31 6.04
N ARG D 110 3.96 7.70 5.27
CA ARG D 110 4.39 6.76 4.25
C ARG D 110 5.32 7.48 3.25
N CYS D 111 4.92 8.66 2.78
CA CYS D 111 5.70 9.37 1.84
C CYS D 111 7.00 9.87 2.42
N ARG D 112 7.04 10.19 3.70
CA ARG D 112 8.31 10.57 4.34
C ARG D 112 9.31 9.40 4.25
N GLN D 113 8.84 8.19 4.48
CA GLN D 113 9.73 7.02 4.39
C GLN D 113 10.16 6.75 2.94
N VAL D 114 9.23 6.85 2.02
CA VAL D 114 9.52 6.60 0.62
C VAL D 114 10.51 7.66 0.13
N LEU D 115 10.27 8.94 0.46
CA LEU D 115 11.16 10.03 0.04
C LEU D 115 12.57 9.84 0.65
N LEU D 116 12.67 9.39 1.90
CA LEU D 116 13.98 9.18 2.53
C LEU D 116 14.85 8.26 1.70
N GLU D 117 14.22 7.24 1.11
CA GLU D 117 14.94 6.25 0.31
C GLU D 117 15.64 6.90 -0.88
N HIS D 118 15.05 7.98 -1.42
CA HIS D 118 15.51 8.59 -2.68
C HIS D 118 16.15 9.95 -2.54
N GLY D 119 16.12 10.50 -1.35
CA GLY D 119 16.69 11.81 -1.11
C GLY D 119 17.57 11.89 0.13
N GLY D 120 17.44 10.91 1.00
CA GLY D 120 18.11 10.91 2.27
C GLY D 120 17.68 11.97 3.26
N PRO D 121 18.35 12.01 4.41
CA PRO D 121 17.99 12.92 5.50
C PRO D 121 18.04 14.41 5.11
N GLU D 122 18.90 14.78 4.17
CA GLU D 122 19.08 16.17 3.83
C GLU D 122 18.16 16.67 2.76
N LEU D 123 17.33 15.78 2.18
CA LEU D 123 16.31 16.25 1.24
C LEU D 123 15.48 17.35 1.85
N LEU D 124 15.29 18.45 1.12
CA LEU D 124 14.58 19.61 1.62
C LEU D 124 13.11 19.50 1.23
N ILE D 125 12.27 19.71 2.22
CA ILE D 125 10.81 19.64 2.05
C ILE D 125 10.24 21.05 2.24
N ASP D 126 9.45 21.50 1.29
CA ASP D 126 8.89 22.85 1.31
C ASP D 126 7.94 22.97 2.50
N HIS D 127 7.95 24.15 3.13
CA HIS D 127 7.17 24.39 4.34
C HIS D 127 6.97 25.90 4.45
N ALA D 128 5.79 26.32 4.88
CA ALA D 128 5.46 27.76 5.08
C ALA D 128 6.58 28.58 5.76
N HIS D 129 7.18 27.99 6.79
CA HIS D 129 8.15 28.68 7.61
C HIS D 129 9.57 28.43 7.13
N GLY D 130 9.72 27.98 5.88
CA GLY D 130 11.01 27.71 5.30
C GLY D 130 11.17 26.21 5.14
N PRO D 131 11.86 25.76 4.09
CA PRO D 131 11.98 24.32 3.93
C PRO D 131 12.77 23.67 5.03
N ARG D 132 12.46 22.39 5.24
CA ARG D 132 12.93 21.62 6.37
C ARG D 132 13.55 20.36 5.84
N PRO D 133 14.67 19.93 6.42
CA PRO D 133 15.26 18.68 6.00
C PRO D 133 14.40 17.51 6.45
N LEU D 134 14.37 16.48 5.62
CA LEU D 134 13.52 15.35 5.88
C LEU D 134 13.81 14.70 7.19
N ARG D 135 15.07 14.73 7.63
CA ARG D 135 15.43 14.15 8.91
C ARG D 135 14.66 14.79 10.06
N GLU D 136 14.33 16.08 9.96
CA GLU D 136 13.51 16.74 11.00
C GLU D 136 12.08 16.24 11.00
N LEU D 137 11.61 15.84 9.81
CA LEU D 137 10.26 15.33 9.64
C LEU D 137 10.11 13.84 9.90
N LEU D 138 11.21 13.10 9.86
CA LEU D 138 11.18 11.65 10.08
C LEU D 138 12.44 11.23 10.85
N PRO D 139 12.49 11.60 12.14
CA PRO D 139 13.72 11.34 12.93
C PRO D 139 13.91 9.87 13.23
N ASP D 140 15.15 9.47 13.46
CA ASP D 140 15.48 8.12 13.90
C ASP D 140 14.75 7.11 12.98
N ALA D 141 14.87 7.33 11.67
CA ALA D 141 14.03 6.60 10.73
C ALA D 141 14.43 5.16 10.61
N PHE D 142 13.42 4.29 10.61
CA PHE D 142 13.57 2.86 10.24
C PHE D 142 14.52 2.75 9.05
ZN ZN E . 1.69 -4.99 -8.72
ZN ZN F . 5.74 -0.16 9.17
ZN ZN G . -9.04 -5.16 -0.16
ZN ZN H . 1.61 10.39 1.24
#